data_3H8U
#
_entry.id   3H8U
#
_cell.length_a   46.850
_cell.length_b   46.850
_cell.length_c   94.940
_cell.angle_alpha   90.000
_cell.angle_beta   90.000
_cell.angle_gamma   120.000
#
_symmetry.space_group_name_H-M   'P 32'
#
loop_
_entity.id
_entity.type
_entity.pdbx_description
1 polymer 'uncharacterized conserved protein with double-stranded beta-helix domain'
2 non-polymer 'SULFATE ION'
3 non-polymer GLYCEROL
4 non-polymer 'NONAETHYLENE GLYCOL'
5 water water
#
_entity_poly.entity_id   1
_entity_poly.type   'polypeptide(L)'
_entity_poly.pdbx_seq_one_letter_code
;G(MSE)GVN(MSE)RAETESRIFSVDEYVRPSNGEPIRSVVLETNDSVVVVWHAHPGQEIASHVHPHGQDTWTVISGEAE
YHQGNGIVTHLKAGDIAIAKPGQVHGA(MSE)NSGPEPFIFVSVVAPGNAGFALAEK
;
_entity_poly.pdbx_strand_id   A,B
#
# COMPACT_ATOMS: atom_id res chain seq x y z
N VAL A 4 18.78 6.41 13.78
CA VAL A 4 19.05 6.00 15.19
C VAL A 4 19.26 4.49 15.26
N ASN A 5 18.17 3.74 15.15
CA ASN A 5 18.25 2.29 15.04
C ASN A 5 18.52 1.87 13.60
N ARG A 7 19.03 -1.99 11.32
CA ARG A 7 19.01 -3.45 11.30
C ARG A 7 19.54 -3.98 9.97
N ALA A 8 19.97 -5.24 9.97
CA ALA A 8 20.30 -5.95 8.73
C ALA A 8 19.15 -5.81 7.72
N GLU A 9 19.46 -6.06 6.45
CA GLU A 9 18.49 -5.78 5.37
C GLU A 9 17.21 -6.62 5.53
N THR A 10 17.35 -7.86 6.02
CA THR A 10 16.20 -8.74 6.30
C THR A 10 15.15 -8.07 7.19
N GLU A 11 15.61 -7.56 8.33
CA GLU A 11 14.74 -6.90 9.32
C GLU A 11 14.65 -5.37 9.18
N SER A 12 15.17 -4.81 8.08
N SER A 12 15.19 -4.78 8.09
CA SER A 12 14.96 -3.40 7.70
CA SER A 12 14.95 -3.37 7.78
C SER A 12 13.64 -3.26 6.94
C SER A 12 13.65 -3.24 6.96
N ARG A 13 12.57 -2.99 7.68
CA ARG A 13 11.25 -3.27 7.16
C ARG A 13 10.29 -2.12 7.17
N ILE A 14 10.73 -0.95 7.63
CA ILE A 14 9.87 0.23 7.70
C ILE A 14 10.57 1.27 6.82
N PHE A 15 9.79 1.88 5.95
CA PHE A 15 10.24 2.85 4.99
C PHE A 15 9.32 4.06 5.07
N SER A 16 9.91 5.21 5.30
CA SER A 16 9.14 6.43 5.39
CA SER A 16 9.21 6.48 5.40
C SER A 16 8.92 7.01 4.00
N VAL A 17 7.65 7.14 3.62
CA VAL A 17 7.33 7.71 2.31
C VAL A 17 8.08 9.02 2.04
N ASP A 18 8.12 9.93 3.00
CA ASP A 18 8.82 11.20 2.81
C ASP A 18 10.30 11.08 2.40
N GLU A 19 10.96 10.01 2.82
CA GLU A 19 12.36 9.77 2.47
C GLU A 19 12.53 9.31 1.04
N TYR A 20 11.47 8.82 0.42
CA TYR A 20 11.47 8.29 -0.96
C TYR A 20 10.77 9.21 -1.97
N VAL A 21 10.08 10.23 -1.48
CA VAL A 21 9.50 11.23 -2.37
C VAL A 21 10.61 11.95 -3.16
N ARG A 22 10.43 11.96 -4.48
CA ARG A 22 11.35 12.58 -5.43
C ARG A 22 10.58 13.54 -6.37
N PRO A 23 10.29 14.77 -5.91
CA PRO A 23 9.55 15.74 -6.72
C PRO A 23 10.38 16.04 -7.94
N SER A 24 9.71 16.21 -9.08
CA SER A 24 10.41 16.62 -10.30
C SER A 24 9.55 17.52 -11.15
N ASN A 25 10.17 18.51 -11.78
CA ASN A 25 9.48 19.44 -12.69
C ASN A 25 9.35 18.86 -14.09
N GLY A 26 9.91 17.68 -14.33
CA GLY A 26 9.69 16.96 -15.57
C GLY A 26 8.85 15.76 -15.22
N GLU A 27 8.88 14.71 -16.04
CA GLU A 27 8.07 13.48 -15.82
C GLU A 27 8.25 12.94 -14.38
N PRO A 28 7.14 12.56 -13.71
CA PRO A 28 7.33 12.01 -12.35
C PRO A 28 8.35 10.90 -12.27
N ILE A 29 9.10 10.85 -11.16
CA ILE A 29 10.17 9.88 -10.94
C ILE A 29 9.64 8.60 -10.27
N ARG A 30 10.00 7.46 -10.82
CA ARG A 30 9.62 6.20 -10.23
C ARG A 30 10.58 5.89 -9.06
N SER A 31 10.20 6.28 -7.86
CA SER A 31 11.10 6.13 -6.73
C SER A 31 10.86 4.77 -6.06
N VAL A 32 11.74 3.80 -6.32
CA VAL A 32 11.54 2.45 -5.82
C VAL A 32 11.90 2.30 -4.35
N VAL A 33 10.97 1.74 -3.60
CA VAL A 33 11.20 1.48 -2.18
C VAL A 33 11.80 0.08 -2.06
N LEU A 34 11.15 -0.89 -2.66
CA LEU A 34 11.63 -2.26 -2.61
C LEU A 34 11.06 -3.09 -3.75
N GLU A 35 11.96 -3.85 -4.40
CA GLU A 35 11.58 -4.75 -5.46
CA GLU A 35 11.64 -4.75 -5.50
C GLU A 35 11.91 -6.17 -5.05
N THR A 36 10.91 -7.05 -5.13
CA THR A 36 11.04 -8.46 -4.77
C THR A 36 10.28 -9.21 -5.83
N ASN A 37 10.35 -10.53 -5.81
CA ASN A 37 9.57 -11.34 -6.74
C ASN A 37 8.08 -11.14 -6.59
N ASP A 38 7.66 -10.87 -5.36
CA ASP A 38 6.24 -10.85 -5.00
C ASP A 38 5.57 -9.49 -5.27
N SER A 39 6.36 -8.41 -5.19
CA SER A 39 5.85 -7.06 -5.46
C SER A 39 6.99 -6.08 -5.73
N VAL A 40 6.62 -5.01 -6.39
CA VAL A 40 7.46 -3.82 -6.49
CA VAL A 40 7.46 -3.83 -6.42
C VAL A 40 6.68 -2.67 -5.83
N VAL A 41 7.32 -1.99 -4.89
CA VAL A 41 6.69 -0.95 -4.10
C VAL A 41 7.41 0.34 -4.49
N VAL A 42 6.62 1.32 -4.95
CA VAL A 42 7.11 2.59 -5.50
C VAL A 42 6.35 3.76 -4.84
N VAL A 43 7.07 4.83 -4.56
CA VAL A 43 6.48 6.10 -4.11
C VAL A 43 6.47 7.05 -5.31
N TRP A 44 5.26 7.48 -5.69
CA TRP A 44 5.06 8.43 -6.73
C TRP A 44 4.64 9.80 -6.16
N HIS A 45 5.12 10.84 -6.84
CA HIS A 45 4.81 12.23 -6.50
C HIS A 45 4.50 12.98 -7.79
N ALA A 46 3.39 13.71 -7.81
CA ALA A 46 3.06 14.60 -8.91
C ALA A 46 2.67 15.97 -8.39
N HIS A 47 3.27 16.98 -8.99
CA HIS A 47 2.84 18.37 -8.80
C HIS A 47 1.51 18.59 -9.51
N PRO A 48 0.77 19.63 -9.09
CA PRO A 48 -0.43 20.00 -9.82
C PRO A 48 -0.24 20.06 -11.35
N GLY A 49 -1.11 19.39 -12.07
CA GLY A 49 -1.04 19.37 -13.52
C GLY A 49 -0.16 18.26 -14.11
N GLN A 50 0.70 17.66 -13.28
N GLN A 50 0.66 17.64 -13.27
CA GLN A 50 1.58 16.59 -13.74
CA GLN A 50 1.60 16.61 -13.71
C GLN A 50 0.77 15.33 -13.84
C GLN A 50 0.87 15.27 -13.74
N GLU A 51 1.26 14.43 -14.71
CA GLU A 51 0.56 13.18 -14.97
C GLU A 51 1.41 11.94 -14.71
N ILE A 52 0.74 10.90 -14.24
CA ILE A 52 1.24 9.54 -14.29
C ILE A 52 0.72 8.97 -15.63
N ALA A 53 1.58 8.65 -16.58
CA ALA A 53 1.13 8.16 -17.88
C ALA A 53 0.28 6.92 -17.76
N SER A 54 -0.75 6.86 -18.59
CA SER A 54 -1.65 5.74 -18.64
C SER A 54 -0.94 4.53 -19.23
N HIS A 55 -1.17 3.41 -18.58
CA HIS A 55 -0.51 2.18 -18.89
C HIS A 55 -1.34 0.98 -18.39
N VAL A 56 -0.96 -0.18 -18.91
CA VAL A 56 -1.57 -1.43 -18.51
CA VAL A 56 -1.56 -1.46 -18.52
C VAL A 56 -0.49 -2.47 -18.16
N HIS A 57 -0.71 -3.26 -17.11
CA HIS A 57 0.12 -4.41 -16.82
C HIS A 57 -0.74 -5.59 -17.28
N PRO A 58 -0.33 -6.28 -18.36
CA PRO A 58 -1.07 -7.44 -18.86
C PRO A 58 -1.25 -8.58 -17.85
N HIS A 59 -0.30 -8.69 -16.95
CA HIS A 59 -0.23 -9.78 -15.99
C HIS A 59 0.11 -9.35 -14.58
N GLY A 60 -0.32 -8.16 -14.18
CA GLY A 60 -0.12 -7.68 -12.81
C GLY A 60 -1.22 -6.77 -12.37
N GLN A 61 -1.40 -6.68 -11.06
CA GLN A 61 -2.30 -5.74 -10.41
C GLN A 61 -1.47 -4.62 -9.80
N ASP A 62 -1.97 -3.39 -9.98
CA ASP A 62 -1.36 -2.21 -9.41
C ASP A 62 -2.34 -1.57 -8.42
N THR A 63 -1.96 -1.64 -7.15
CA THR A 63 -2.75 -1.10 -6.06
C THR A 63 -2.08 0.18 -5.56
N TRP A 64 -2.81 1.29 -5.64
CA TRP A 64 -2.33 2.57 -5.16
C TRP A 64 -2.97 2.96 -3.86
N THR A 65 -2.16 3.43 -2.90
CA THR A 65 -2.70 3.99 -1.67
C THR A 65 -2.30 5.47 -1.60
N VAL A 66 -3.29 6.36 -1.58
CA VAL A 66 -3.02 7.77 -1.67
C VAL A 66 -2.70 8.38 -0.28
N ILE A 67 -1.49 8.93 -0.19
CA ILE A 67 -0.95 9.60 1.02
C ILE A 67 -1.40 11.05 1.13
N SER A 68 -1.34 11.76 0.01
CA SER A 68 -1.56 13.17 -0.01
C SER A 68 -2.22 13.58 -1.30
N GLY A 69 -3.15 14.55 -1.21
CA GLY A 69 -3.64 15.27 -2.39
C GLY A 69 -4.80 14.60 -3.10
N GLU A 70 -5.10 15.13 -4.28
CA GLU A 70 -6.24 14.72 -5.07
C GLU A 70 -5.79 14.55 -6.53
N ALA A 71 -6.42 13.63 -7.25
CA ALA A 71 -6.11 13.41 -8.66
C ALA A 71 -7.34 12.94 -9.42
N GLU A 72 -7.27 13.13 -10.73
CA GLU A 72 -8.18 12.50 -11.69
C GLU A 72 -7.56 11.18 -12.04
N TYR A 73 -8.22 10.07 -11.72
CA TYR A 73 -7.70 8.74 -12.01
C TYR A 73 -8.27 8.32 -13.36
N HIS A 74 -7.41 8.18 -14.36
CA HIS A 74 -7.85 7.72 -15.70
C HIS A 74 -7.96 6.20 -15.74
N GLN A 75 -9.12 5.72 -16.19
CA GLN A 75 -9.43 4.27 -16.19
C GLN A 75 -9.41 3.71 -17.61
N GLY A 76 -8.90 4.49 -18.57
CA GLY A 76 -8.89 4.12 -19.99
C GLY A 76 -10.09 4.77 -20.71
N ASN A 77 -9.93 5.06 -21.99
CA ASN A 77 -11.05 5.54 -22.81
C ASN A 77 -11.63 6.90 -22.44
N GLY A 78 -10.86 7.70 -21.72
CA GLY A 78 -11.34 9.03 -21.32
C GLY A 78 -12.20 8.97 -20.06
N ILE A 79 -12.25 7.80 -19.42
CA ILE A 79 -13.03 7.61 -18.20
C ILE A 79 -12.18 8.09 -17.02
N VAL A 80 -12.74 9.02 -16.25
CA VAL A 80 -12.00 9.62 -15.20
C VAL A 80 -12.83 9.61 -13.94
N THR A 81 -12.19 9.18 -12.86
CA THR A 81 -12.79 9.20 -11.55
C THR A 81 -11.87 10.01 -10.60
N HIS A 82 -12.39 10.38 -9.44
CA HIS A 82 -11.70 11.29 -8.56
C HIS A 82 -11.08 10.57 -7.37
N LEU A 83 -9.80 10.80 -7.18
CA LEU A 83 -9.00 10.21 -6.07
C LEU A 83 -8.68 11.26 -5.03
N LYS A 84 -8.77 10.90 -3.76
CA LYS A 84 -8.27 11.76 -2.70
C LYS A 84 -7.44 10.99 -1.67
N ALA A 85 -6.74 11.75 -0.83
CA ALA A 85 -5.98 11.16 0.24
C ALA A 85 -6.86 10.18 1.02
N GLY A 86 -6.31 9.01 1.31
CA GLY A 86 -7.01 7.96 2.03
C GLY A 86 -7.80 7.03 1.13
N ASP A 87 -7.72 7.26 -0.17
CA ASP A 87 -8.33 6.37 -1.14
C ASP A 87 -7.33 5.31 -1.62
N ILE A 88 -7.87 4.19 -2.08
CA ILE A 88 -7.13 3.12 -2.73
C ILE A 88 -7.61 3.08 -4.20
N ALA A 89 -6.69 2.99 -5.16
CA ALA A 89 -7.06 2.78 -6.57
C ALA A 89 -6.47 1.45 -7.04
N ILE A 90 -7.27 0.62 -7.71
CA ILE A 90 -6.77 -0.69 -8.13
C ILE A 90 -6.94 -0.82 -9.62
N ALA A 91 -5.85 -1.19 -10.30
CA ALA A 91 -5.93 -1.67 -11.68
C ALA A 91 -5.64 -3.16 -11.64
N LYS A 92 -6.62 -3.96 -12.07
CA LYS A 92 -6.39 -5.40 -12.30
C LYS A 92 -5.63 -5.57 -13.61
N PRO A 93 -5.10 -6.77 -13.86
CA PRO A 93 -4.45 -7.01 -15.13
C PRO A 93 -5.34 -6.62 -16.34
N GLY A 94 -4.77 -5.93 -17.33
CA GLY A 94 -5.55 -5.56 -18.51
C GLY A 94 -6.42 -4.31 -18.31
N GLN A 95 -6.28 -3.66 -17.17
CA GLN A 95 -6.99 -2.42 -16.90
C GLN A 95 -6.06 -1.21 -17.06
N VAL A 96 -6.44 -0.30 -17.96
CA VAL A 96 -5.69 0.93 -18.15
C VAL A 96 -5.79 1.82 -16.92
N HIS A 97 -4.68 2.39 -16.50
CA HIS A 97 -4.68 3.33 -15.39
C HIS A 97 -3.54 4.37 -15.51
N GLY A 98 -3.87 5.58 -15.10
CA GLY A 98 -2.98 6.72 -15.11
C GLY A 98 -3.61 7.79 -14.23
N ALA A 99 -2.95 8.94 -14.06
CA ALA A 99 -3.57 10.00 -13.26
C ALA A 99 -3.05 11.39 -13.62
N ASN A 101 -2.66 15.09 -11.33
CA ASN A 101 -2.85 15.85 -10.08
C ASN A 101 -3.71 17.08 -10.40
N SER A 102 -4.97 17.06 -9.94
CA SER A 102 -5.92 18.16 -10.14
C SER A 102 -5.82 19.25 -9.06
N GLY A 103 -5.02 19.00 -8.03
CA GLY A 103 -4.59 20.05 -7.10
C GLY A 103 -5.55 20.27 -5.93
N PRO A 104 -5.16 21.15 -5.00
CA PRO A 104 -3.93 21.95 -5.01
C PRO A 104 -2.67 21.30 -4.47
N GLU A 105 -2.80 20.27 -3.63
CA GLU A 105 -1.68 19.75 -2.91
C GLU A 105 -0.85 18.84 -3.81
N PRO A 106 0.42 18.57 -3.42
CA PRO A 106 1.12 17.47 -4.07
C PRO A 106 0.29 16.20 -4.00
N PHE A 107 0.35 15.41 -5.07
CA PHE A 107 -0.34 14.13 -5.09
C PHE A 107 0.70 13.04 -4.86
N ILE A 108 0.60 12.33 -3.73
CA ILE A 108 1.59 11.34 -3.37
C ILE A 108 0.90 10.02 -3.04
N PHE A 109 1.38 8.95 -3.65
CA PHE A 109 0.82 7.63 -3.41
C PHE A 109 1.89 6.55 -3.44
N VAL A 110 1.52 5.45 -2.83
CA VAL A 110 2.33 4.26 -2.77
C VAL A 110 1.67 3.28 -3.72
N SER A 111 2.43 2.85 -4.71
CA SER A 111 2.05 1.82 -5.65
C SER A 111 2.66 0.45 -5.30
N VAL A 112 1.81 -0.57 -5.23
CA VAL A 112 2.25 -1.94 -5.08
C VAL A 112 1.81 -2.72 -6.33
N VAL A 113 2.78 -3.07 -7.17
CA VAL A 113 2.53 -3.89 -8.36
C VAL A 113 2.87 -5.34 -8.04
N ALA A 114 1.94 -6.24 -8.35
CA ALA A 114 2.14 -7.67 -8.08
C ALA A 114 1.68 -8.48 -9.28
N PRO A 115 2.51 -9.45 -9.72
CA PRO A 115 3.84 -9.84 -9.23
C PRO A 115 4.93 -8.80 -9.48
N GLY A 116 6.08 -9.00 -8.85
CA GLY A 116 7.13 -8.02 -8.88
C GLY A 116 7.69 -7.80 -10.26
N ASN A 117 7.64 -8.82 -11.10
CA ASN A 117 8.17 -8.72 -12.46
C ASN A 117 7.13 -8.40 -13.54
N ALA A 118 5.94 -7.97 -13.14
CA ALA A 118 4.90 -7.65 -14.11
C ALA A 118 5.36 -6.50 -15.00
N GLY A 119 5.35 -6.76 -16.30
CA GLY A 119 5.67 -5.75 -17.30
C GLY A 119 4.48 -4.85 -17.56
N PHE A 120 4.72 -3.79 -18.31
CA PHE A 120 3.64 -2.87 -18.64
C PHE A 120 3.79 -2.36 -20.05
N ALA A 121 2.70 -1.81 -20.56
CA ALA A 121 2.67 -1.14 -21.85
C ALA A 121 1.96 0.16 -21.66
N LEU A 122 2.47 1.24 -22.28
CA LEU A 122 1.73 2.50 -22.33
C LEU A 122 0.48 2.29 -23.17
N ALA A 123 -0.64 2.86 -22.71
CA ALA A 123 -1.92 2.67 -23.37
C ALA A 123 -2.93 3.68 -22.89
N GLU A 124 -3.78 4.20 -23.78
CA GLU A 124 -4.87 5.11 -23.36
C GLU A 124 -6.25 4.41 -23.32
N LYS A 125 -6.32 3.23 -23.93
CA LYS A 125 -7.54 2.44 -23.96
CA LYS A 125 -7.54 2.43 -23.95
C LYS A 125 -7.17 0.97 -24.14
N GLU B 11 -17.37 -3.25 -10.26
CA GLU B 11 -17.44 -1.92 -10.93
C GLU B 11 -16.42 -0.93 -10.42
N SER B 12 -16.44 -0.63 -9.12
CA SER B 12 -15.61 0.46 -8.62
C SER B 12 -14.14 0.08 -8.65
N ARG B 13 -13.30 1.06 -8.98
CA ARG B 13 -11.83 0.88 -8.96
C ARG B 13 -11.19 1.74 -7.89
N ILE B 14 -12.00 2.50 -7.20
CA ILE B 14 -11.54 3.38 -6.15
C ILE B 14 -12.33 3.07 -4.91
N PHE B 15 -11.62 3.02 -3.80
CA PHE B 15 -12.18 2.59 -2.54
C PHE B 15 -11.70 3.58 -1.50
N SER B 16 -12.62 4.15 -0.74
CA SER B 16 -12.23 5.09 0.33
C SER B 16 -12.04 4.36 1.64
N VAL B 17 -10.89 4.59 2.27
CA VAL B 17 -10.55 3.86 3.48
C VAL B 17 -11.60 4.08 4.56
N ASP B 18 -12.12 5.29 4.66
CA ASP B 18 -13.11 5.56 5.73
C ASP B 18 -14.42 4.78 5.55
N GLU B 19 -14.71 4.37 4.31
CA GLU B 19 -15.87 3.52 4.07
C GLU B 19 -15.59 2.07 4.40
N TYR B 20 -14.31 1.69 4.45
CA TYR B 20 -13.94 0.27 4.55
C TYR B 20 -13.42 -0.11 5.91
N VAL B 21 -13.09 0.86 6.77
CA VAL B 21 -12.67 0.53 8.13
C VAL B 21 -13.85 -0.14 8.83
N ARG B 22 -13.54 -1.20 9.60
CA ARG B 22 -14.55 -1.94 10.40
C ARG B 22 -14.11 -2.01 11.87
N PRO B 23 -14.31 -0.91 12.62
CA PRO B 23 -14.02 -0.84 14.05
C PRO B 23 -14.71 -1.94 14.87
N SER B 24 -13.97 -2.54 15.80
CA SER B 24 -14.45 -3.68 16.57
C SER B 24 -14.04 -3.52 18.02
N ASN B 25 -14.94 -3.85 18.94
CA ASN B 25 -14.57 -3.97 20.34
C ASN B 25 -13.53 -5.09 20.49
N GLY B 26 -13.77 -6.22 19.83
CA GLY B 26 -12.89 -7.38 19.95
C GLY B 26 -11.73 -7.27 18.97
N GLU B 27 -11.08 -8.41 18.70
CA GLU B 27 -9.99 -8.46 17.74
C GLU B 27 -10.33 -7.63 16.50
N PRO B 28 -9.41 -6.76 16.04
CA PRO B 28 -9.64 -5.93 14.86
C PRO B 28 -10.17 -6.73 13.69
N ILE B 29 -11.05 -6.14 12.90
CA ILE B 29 -11.67 -6.89 11.78
C ILE B 29 -10.84 -6.77 10.49
N ARG B 30 -10.56 -7.91 9.87
CA ARG B 30 -9.85 -7.92 8.59
C ARG B 30 -10.85 -7.54 7.48
N SER B 31 -10.91 -6.23 7.18
CA SER B 31 -11.82 -5.67 6.18
C SER B 31 -11.30 -5.70 4.71
N VAL B 32 -11.79 -6.67 3.94
CA VAL B 32 -11.26 -6.93 2.61
C VAL B 32 -11.90 -5.94 1.67
N VAL B 33 -11.06 -5.15 1.01
CA VAL B 33 -11.46 -4.20 -0.05
C VAL B 33 -11.67 -4.95 -1.38
N LEU B 34 -10.65 -5.70 -1.78
CA LEU B 34 -10.68 -6.47 -3.02
C LEU B 34 -9.71 -7.63 -2.88
N GLU B 35 -10.17 -8.83 -3.20
CA GLU B 35 -9.29 -10.01 -3.24
C GLU B 35 -9.28 -10.59 -4.66
N THR B 36 -8.08 -10.83 -5.19
CA THR B 36 -7.88 -11.35 -6.53
C THR B 36 -6.80 -12.41 -6.46
N ASN B 37 -6.52 -13.09 -7.58
CA ASN B 37 -5.36 -14.01 -7.60
C ASN B 37 -4.00 -13.30 -7.45
N ASP B 38 -3.96 -12.03 -7.80
CA ASP B 38 -2.73 -11.27 -7.76
C ASP B 38 -2.40 -10.56 -6.43
N SER B 39 -3.43 -10.14 -5.69
CA SER B 39 -3.24 -9.46 -4.38
C SER B 39 -4.52 -9.58 -3.55
N VAL B 40 -4.35 -9.52 -2.23
CA VAL B 40 -5.46 -9.30 -1.32
C VAL B 40 -5.23 -7.89 -0.74
N VAL B 41 -6.23 -7.02 -0.87
CA VAL B 41 -6.13 -5.68 -0.34
C VAL B 41 -7.12 -5.52 0.80
N VAL B 42 -6.60 -5.11 1.98
CA VAL B 42 -7.36 -5.07 3.20
C VAL B 42 -7.12 -3.75 3.90
N VAL B 43 -8.19 -3.21 4.51
CA VAL B 43 -8.10 -2.07 5.41
C VAL B 43 -8.21 -2.55 6.86
N TRP B 44 -7.20 -2.19 7.65
CA TRP B 44 -7.16 -2.52 9.05
C TRP B 44 -7.36 -1.26 9.87
N HIS B 45 -8.05 -1.46 10.99
CA HIS B 45 -8.33 -0.41 11.97
C HIS B 45 -8.09 -0.99 13.37
N ALA B 46 -7.24 -0.34 14.14
CA ALA B 46 -7.07 -0.70 15.54
C ALA B 46 -7.43 0.51 16.39
N HIS B 47 -8.39 0.35 17.30
CA HIS B 47 -8.67 1.37 18.33
C HIS B 47 -7.42 1.51 19.15
N PRO B 48 -7.26 2.67 19.79
CA PRO B 48 -6.23 2.79 20.79
C PRO B 48 -6.27 1.59 21.75
N GLY B 49 -5.10 1.01 22.02
CA GLY B 49 -4.97 -0.17 22.87
C GLY B 49 -5.24 -1.51 22.20
N GLN B 50 -5.67 -1.51 20.94
CA GLN B 50 -5.98 -2.78 20.24
CA GLN B 50 -5.97 -2.77 20.26
C GLN B 50 -4.75 -3.31 19.51
N GLU B 51 -4.58 -4.63 19.56
CA GLU B 51 -3.50 -5.34 18.87
C GLU B 51 -4.02 -6.06 17.62
N ILE B 52 -3.24 -5.95 16.56
CA ILE B 52 -3.41 -6.74 15.35
C ILE B 52 -2.49 -7.95 15.50
N ALA B 53 -3.11 -9.11 15.62
CA ALA B 53 -2.45 -10.35 16.04
C ALA B 53 -1.36 -10.66 15.06
N SER B 54 -0.25 -11.18 15.55
CA SER B 54 0.89 -11.43 14.70
C SER B 54 0.62 -12.69 13.86
N HIS B 55 1.11 -12.65 12.64
CA HIS B 55 0.91 -13.70 11.66
C HIS B 55 2.02 -13.67 10.64
N VAL B 56 2.04 -14.73 9.84
CA VAL B 56 3.00 -14.90 8.77
CA VAL B 56 3.00 -14.92 8.77
C VAL B 56 2.26 -15.39 7.52
N HIS B 57 2.76 -14.97 6.36
CA HIS B 57 2.37 -15.53 5.05
C HIS B 57 3.59 -16.31 4.59
N PRO B 58 3.56 -17.64 4.71
CA PRO B 58 4.77 -18.39 4.33
C PRO B 58 5.26 -18.18 2.87
N HIS B 59 4.34 -17.85 1.97
CA HIS B 59 4.67 -17.68 0.57
C HIS B 59 4.14 -16.38 -0.04
N GLY B 60 4.12 -15.32 0.75
CA GLY B 60 3.78 -14.01 0.18
C GLY B 60 4.33 -12.84 0.93
N GLN B 61 4.22 -11.68 0.29
CA GLN B 61 4.62 -10.43 0.87
C GLN B 61 3.40 -9.66 1.32
N ASP B 62 3.54 -8.98 2.46
CA ASP B 62 2.51 -8.10 2.97
C ASP B 62 3.11 -6.70 3.11
N THR B 63 2.60 -5.77 2.29
CA THR B 63 3.06 -4.37 2.26
C THR B 63 1.96 -3.50 2.88
N TRP B 64 2.29 -2.89 4.01
CA TRP B 64 1.36 -1.99 4.71
C TRP B 64 1.71 -0.54 4.38
N THR B 65 0.68 0.25 4.10
CA THR B 65 0.84 1.67 4.00
C THR B 65 -0.05 2.31 5.04
N VAL B 66 0.58 3.04 5.96
CA VAL B 66 -0.11 3.60 7.10
C VAL B 66 -0.80 4.91 6.72
N ILE B 67 -2.10 4.97 6.96
CA ILE B 67 -2.92 6.14 6.65
C ILE B 67 -2.96 7.12 7.83
N SER B 68 -3.13 6.60 9.03
CA SER B 68 -3.32 7.43 10.20
CA SER B 68 -3.25 7.46 10.20
C SER B 68 -2.87 6.71 11.46
N GLY B 69 -2.47 7.50 12.46
CA GLY B 69 -2.17 6.98 13.77
C GLY B 69 -0.71 6.65 13.87
N GLU B 70 -0.37 6.06 15.00
CA GLU B 70 0.99 5.63 15.30
C GLU B 70 0.86 4.34 16.09
N ALA B 71 1.67 3.35 15.73
CA ALA B 71 1.59 2.07 16.41
C ALA B 71 2.95 1.43 16.53
N GLU B 72 2.99 0.36 17.29
CA GLU B 72 4.16 -0.50 17.33
C GLU B 72 4.00 -1.63 16.30
N TYR B 73 4.96 -1.76 15.40
CA TYR B 73 5.00 -2.87 14.43
C TYR B 73 5.77 -4.02 15.07
N HIS B 74 5.16 -5.19 15.08
CA HIS B 74 5.72 -6.40 15.65
C HIS B 74 6.35 -7.20 14.52
N GLN B 75 7.67 -7.41 14.62
CA GLN B 75 8.42 -8.09 13.59
C GLN B 75 8.77 -9.53 13.92
N GLY B 76 8.24 -10.06 15.04
CA GLY B 76 8.55 -11.36 15.52
C GLY B 76 9.77 -11.30 16.42
N ASN B 77 10.01 -12.35 17.19
CA ASN B 77 11.19 -12.43 18.05
C ASN B 77 11.34 -11.25 19.02
N GLY B 78 10.21 -10.69 19.42
CA GLY B 78 10.18 -9.57 20.36
C GLY B 78 10.59 -8.24 19.77
N ILE B 79 10.79 -8.20 18.46
CA ILE B 79 11.24 -6.99 17.81
C ILE B 79 10.06 -6.06 17.65
N VAL B 80 10.24 -4.84 18.13
CA VAL B 80 9.19 -3.83 18.08
C VAL B 80 9.77 -2.55 17.48
N THR B 81 9.17 -2.08 16.40
CA THR B 81 9.58 -0.84 15.74
C THR B 81 8.35 0.03 15.68
N HIS B 82 8.54 1.32 15.52
CA HIS B 82 7.43 2.27 15.57
CA HIS B 82 7.42 2.23 15.56
C HIS B 82 7.05 2.69 14.16
N LEU B 83 5.74 2.71 13.89
CA LEU B 83 5.15 3.17 12.64
C LEU B 83 4.30 4.38 12.87
N LYS B 84 4.33 5.31 11.93
CA LYS B 84 3.35 6.38 11.87
C LYS B 84 2.81 6.59 10.46
N ALA B 85 1.78 7.41 10.38
CA ALA B 85 1.18 7.78 9.12
C ALA B 85 2.30 8.14 8.14
N GLY B 86 2.18 7.58 6.95
CA GLY B 86 3.12 7.83 5.88
C GLY B 86 4.27 6.84 5.86
N ASP B 87 4.25 5.87 6.76
CA ASP B 87 5.24 4.80 6.73
C ASP B 87 4.72 3.63 5.92
N ILE B 88 5.66 2.90 5.30
CA ILE B 88 5.41 1.61 4.65
C ILE B 88 6.12 0.55 5.48
N ALA B 89 5.40 -0.52 5.78
CA ALA B 89 5.96 -1.63 6.53
C ALA B 89 5.87 -2.89 5.64
N ILE B 90 6.97 -3.58 5.45
CA ILE B 90 7.00 -4.75 4.57
C ILE B 90 7.36 -6.01 5.34
N ALA B 91 6.56 -7.06 5.17
CA ALA B 91 6.91 -8.40 5.65
C ALA B 91 7.12 -9.29 4.41
N LYS B 92 8.34 -9.80 4.24
CA LYS B 92 8.64 -10.73 3.14
C LYS B 92 8.10 -12.10 3.54
N PRO B 93 8.05 -13.08 2.61
CA PRO B 93 7.59 -14.40 2.98
C PRO B 93 8.24 -14.96 4.24
N GLY B 94 7.42 -15.44 5.16
CA GLY B 94 7.92 -16.06 6.37
C GLY B 94 8.22 -15.10 7.53
N GLN B 95 8.07 -13.80 7.30
CA GLN B 95 8.40 -12.80 8.31
C GLN B 95 7.17 -12.47 9.12
N VAL B 96 7.31 -12.52 10.44
CA VAL B 96 6.18 -12.29 11.33
C VAL B 96 5.81 -10.83 11.27
N HIS B 97 4.51 -10.53 11.30
CA HIS B 97 4.05 -9.15 11.32
C HIS B 97 2.75 -9.01 12.07
N GLY B 98 2.67 -7.92 12.82
CA GLY B 98 1.52 -7.61 13.65
C GLY B 98 1.72 -6.20 14.17
N ALA B 99 0.79 -5.75 15.01
CA ALA B 99 0.90 -4.41 15.56
C ALA B 99 0.11 -4.24 16.85
N ASN B 101 -1.62 -0.93 18.79
CA ASN B 101 -1.91 0.49 18.73
C ASN B 101 -1.73 1.09 20.13
N SER B 102 -0.51 1.54 20.43
CA SER B 102 -0.17 2.16 21.72
C SER B 102 -0.45 3.66 21.76
N GLY B 103 -1.09 4.19 20.73
CA GLY B 103 -1.38 5.58 20.63
C GLY B 103 -2.83 5.90 20.94
N PRO B 104 -3.12 7.17 21.20
CA PRO B 104 -4.46 7.65 21.54
C PRO B 104 -5.40 7.86 20.35
N GLU B 105 -4.90 7.76 19.12
CA GLU B 105 -5.74 7.92 17.93
C GLU B 105 -5.88 6.57 17.24
N PRO B 106 -6.92 6.40 16.41
CA PRO B 106 -6.96 5.16 15.64
C PRO B 106 -5.76 4.97 14.70
N PHE B 107 -5.38 3.71 14.56
CA PHE B 107 -4.28 3.25 13.72
C PHE B 107 -4.93 2.55 12.53
N ILE B 108 -4.75 3.15 11.36
CA ILE B 108 -5.39 2.70 10.15
C ILE B 108 -4.37 2.55 9.04
N PHE B 109 -4.44 1.40 8.37
CA PHE B 109 -3.50 1.15 7.28
C PHE B 109 -4.10 0.23 6.25
N VAL B 110 -3.47 0.27 5.07
CA VAL B 110 -3.82 -0.58 3.95
C VAL B 110 -2.78 -1.66 3.79
N SER B 111 -3.22 -2.92 3.73
CA SER B 111 -2.34 -4.08 3.54
C SER B 111 -2.55 -4.63 2.15
N VAL B 112 -1.47 -4.82 1.41
CA VAL B 112 -1.49 -5.49 0.12
C VAL B 112 -0.62 -6.76 0.26
N VAL B 113 -1.31 -7.90 0.28
CA VAL B 113 -0.67 -9.19 0.32
C VAL B 113 -0.56 -9.70 -1.12
N ALA B 114 0.61 -10.15 -1.52
CA ALA B 114 0.89 -10.67 -2.89
C ALA B 114 1.81 -11.87 -2.81
N PRO B 115 1.49 -12.97 -3.52
CA PRO B 115 0.32 -13.16 -4.39
C PRO B 115 -1.00 -13.33 -3.61
N GLY B 116 -2.10 -13.43 -4.33
CA GLY B 116 -3.39 -13.34 -3.73
C GLY B 116 -3.78 -14.59 -2.99
N ASN B 117 -3.05 -15.67 -3.26
CA ASN B 117 -3.17 -16.95 -2.59
C ASN B 117 -1.84 -17.28 -1.84
N ALA B 118 -1.52 -16.50 -0.79
N ALA B 118 -1.41 -16.35 -1.01
CA ALA B 118 -0.21 -16.58 -0.09
CA ALA B 118 -0.34 -16.62 -0.08
C ALA B 118 -0.09 -17.43 1.21
C ALA B 118 -1.09 -16.90 1.20
N GLY B 119 -1.15 -18.18 1.53
CA GLY B 119 -1.32 -18.72 2.87
C GLY B 119 -1.10 -17.88 4.11
N PHE B 120 -1.42 -18.46 5.25
CA PHE B 120 -1.51 -17.72 6.48
C PHE B 120 -1.27 -18.64 7.68
N ALA B 121 -0.48 -18.18 8.65
CA ALA B 121 -0.47 -18.80 9.95
C ALA B 121 -0.38 -17.70 11.02
N LEU B 122 -0.92 -17.98 12.20
CA LEU B 122 -0.74 -17.11 13.38
C LEU B 122 0.71 -17.29 13.83
N ALA B 123 1.22 -16.30 14.52
CA ALA B 123 2.61 -16.32 14.97
C ALA B 123 2.77 -15.46 16.20
N GLU B 124 3.94 -15.53 16.79
CA GLU B 124 4.20 -14.83 18.03
C GLU B 124 4.93 -13.51 17.81
N LYS B 125 4.46 -12.47 18.47
CA LYS B 125 5.20 -11.25 18.45
C LYS B 125 6.55 -11.46 19.14
#